data_1JAV
# 
_entry.id   1JAV 
# 
_audit_conform.dict_name       mmcif_pdbx.dic 
_audit_conform.dict_version    5.398 
_audit_conform.dict_location   http://mmcif.pdb.org/dictionaries/ascii/mmcif_pdbx.dic 
# 
loop_
_database_2.database_id 
_database_2.database_code 
_database_2.pdbx_database_accession 
_database_2.pdbx_DOI 
PDB   1JAV         pdb_00001jav 10.2210/pdb1jav/pdb 
RCSB  RCSB013567   ?            ?                   
WWPDB D_1000013567 ?            ?                   
# 
loop_
_pdbx_audit_revision_history.ordinal 
_pdbx_audit_revision_history.data_content_type 
_pdbx_audit_revision_history.major_revision 
_pdbx_audit_revision_history.minor_revision 
_pdbx_audit_revision_history.revision_date 
1 'Structure model' 1 0 2001-10-17 
2 'Structure model' 1 1 2008-04-27 
3 'Structure model' 1 2 2011-07-13 
4 'Structure model' 1 3 2022-02-23 
5 'Structure model' 1 4 2024-10-30 
# 
_pdbx_audit_revision_details.ordinal             1 
_pdbx_audit_revision_details.revision_ordinal    1 
_pdbx_audit_revision_details.data_content_type   'Structure model' 
_pdbx_audit_revision_details.provider            repository 
_pdbx_audit_revision_details.type                'Initial release' 
_pdbx_audit_revision_details.description         ? 
_pdbx_audit_revision_details.details             ? 
# 
loop_
_pdbx_audit_revision_group.ordinal 
_pdbx_audit_revision_group.revision_ordinal 
_pdbx_audit_revision_group.data_content_type 
_pdbx_audit_revision_group.group 
1 2 'Structure model' 'Version format compliance' 
2 3 'Structure model' 'Version format compliance' 
3 4 'Structure model' 'Data collection'           
4 4 'Structure model' 'Database references'       
5 4 'Structure model' 'Derived calculations'      
6 5 'Structure model' 'Data collection'           
7 5 'Structure model' 'Structure summary'         
# 
loop_
_pdbx_audit_revision_category.ordinal 
_pdbx_audit_revision_category.revision_ordinal 
_pdbx_audit_revision_category.data_content_type 
_pdbx_audit_revision_category.category 
1  4 'Structure model' database_2                
2  4 'Structure model' pdbx_nmr_software         
3  4 'Structure model' pdbx_nmr_spectrometer     
4  4 'Structure model' pdbx_struct_assembly      
5  4 'Structure model' pdbx_struct_oper_list     
6  4 'Structure model' struct_conn               
7  4 'Structure model' struct_site               
8  5 'Structure model' chem_comp_atom            
9  5 'Structure model' chem_comp_bond            
10 5 'Structure model' pdbx_entry_details        
11 5 'Structure model' pdbx_modification_feature 
# 
loop_
_pdbx_audit_revision_item.ordinal 
_pdbx_audit_revision_item.revision_ordinal 
_pdbx_audit_revision_item.data_content_type 
_pdbx_audit_revision_item.item 
1 4 'Structure model' '_database_2.pdbx_DOI'                
2 4 'Structure model' '_database_2.pdbx_database_accession' 
3 4 'Structure model' '_pdbx_nmr_software.name'             
4 4 'Structure model' '_pdbx_nmr_spectrometer.model'        
5 4 'Structure model' '_struct_conn.pdbx_leaving_atom_flag' 
6 4 'Structure model' '_struct_site.pdbx_auth_asym_id'      
7 4 'Structure model' '_struct_site.pdbx_auth_comp_id'      
8 4 'Structure model' '_struct_site.pdbx_auth_seq_id'       
# 
_pdbx_database_status.status_code                     REL 
_pdbx_database_status.entry_id                        1JAV 
_pdbx_database_status.recvd_initial_deposition_date   2001-05-31 
_pdbx_database_status.deposit_site                    RCSB 
_pdbx_database_status.process_site                    RCSB 
_pdbx_database_status.status_code_mr                  REL 
_pdbx_database_status.SG_entry                        . 
_pdbx_database_status.pdb_format_compatible           Y 
_pdbx_database_status.status_code_sf                  ? 
_pdbx_database_status.status_code_cs                  ? 
_pdbx_database_status.status_code_nmr_data            ? 
_pdbx_database_status.methods_development_category    ? 
# 
_pdbx_database_related.db_name        PDB 
_pdbx_database_related.db_id          1JAU 
_pdbx_database_related.details        'Ensemble of 40 NMR derived structures for this deposition' 
_pdbx_database_related.content_type   unspecified 
# 
loop_
_audit_author.name 
_audit_author.pdbx_ordinal 
'Schibli, D.J.'   1 
'Montelaro, R.C.' 2 
'Vogel, H.J.'     3 
# 
_citation.id                        primary 
_citation.title                     
;The membrane-proximal tryptophan-rich region of the HIV glycoprotein, gp41, forms a well-defined helix in dodecylphosphocholine micelles.
;
_citation.journal_abbrev            Biochemistry 
_citation.journal_volume            40 
_citation.page_first                9570 
_citation.page_last                 9578 
_citation.year                      2001 
_citation.journal_id_ASTM           BICHAW 
_citation.country                   US 
_citation.journal_id_ISSN           0006-2960 
_citation.journal_id_CSD            0033 
_citation.book_publisher            ? 
_citation.pdbx_database_id_PubMed   11583156 
_citation.pdbx_database_id_DOI      10.1021/bi010640u 
# 
loop_
_citation_author.citation_id 
_citation_author.name 
_citation_author.ordinal 
_citation_author.identifier_ORCID 
primary 'Schibli, D.J.'   1 ? 
primary 'Montelaro, R.C.' 2 ? 
primary 'Vogel, H.J.'     3 ? 
# 
_entity.id                         1 
_entity.type                       polymer 
_entity.src_method                 syn 
_entity.pdbx_description           'TRANSMEMBRANE GLYCOPROTEIN (GP41)' 
_entity.formula_weight             2569.979 
_entity.pdbx_number_of_molecules   1 
_entity.pdbx_ec                    ? 
_entity.pdbx_mutation              ? 
_entity.pdbx_fragment              'RESIDUES 665-683' 
_entity.details                    ? 
# 
_entity_poly.entity_id                      1 
_entity_poly.type                           'polypeptide(L)' 
_entity_poly.nstd_linkage                   no 
_entity_poly.nstd_monomer                   yes 
_entity_poly.pdbx_seq_one_letter_code       'KWASLWNWFNITNWLWYIK(NH2)' 
_entity_poly.pdbx_seq_one_letter_code_can   KWASLWNWFNITNWLWYIKX 
_entity_poly.pdbx_strand_id                 A 
_entity_poly.pdbx_target_identifier         ? 
# 
loop_
_entity_poly_seq.entity_id 
_entity_poly_seq.num 
_entity_poly_seq.mon_id 
_entity_poly_seq.hetero 
1 1  LYS n 
1 2  TRP n 
1 3  ALA n 
1 4  SER n 
1 5  LEU n 
1 6  TRP n 
1 7  ASN n 
1 8  TRP n 
1 9  PHE n 
1 10 ASN n 
1 11 ILE n 
1 12 THR n 
1 13 ASN n 
1 14 TRP n 
1 15 LEU n 
1 16 TRP n 
1 17 TYR n 
1 18 ILE n 
1 19 LYS n 
1 20 NH2 n 
# 
_pdbx_entity_src_syn.entity_id              1 
_pdbx_entity_src_syn.pdbx_src_id            1 
_pdbx_entity_src_syn.pdbx_alt_source_flag   sample 
_pdbx_entity_src_syn.pdbx_beg_seq_num       ? 
_pdbx_entity_src_syn.pdbx_end_seq_num       ? 
_pdbx_entity_src_syn.organism_scientific    ? 
_pdbx_entity_src_syn.organism_common_name   ? 
_pdbx_entity_src_syn.ncbi_taxonomy_id       ? 
_pdbx_entity_src_syn.details                
'This peptide was chemically synthesized. The sequence of the peptide is naturally found in Human Immunodeficiency Virus (HIV).' 
# 
loop_
_chem_comp.id 
_chem_comp.type 
_chem_comp.mon_nstd_flag 
_chem_comp.name 
_chem_comp.pdbx_synonyms 
_chem_comp.formula 
_chem_comp.formula_weight 
ALA 'L-peptide linking' y ALANINE       ? 'C3 H7 N O2'     89.093  
ASN 'L-peptide linking' y ASPARAGINE    ? 'C4 H8 N2 O3'    132.118 
ILE 'L-peptide linking' y ISOLEUCINE    ? 'C6 H13 N O2'    131.173 
LEU 'L-peptide linking' y LEUCINE       ? 'C6 H13 N O2'    131.173 
LYS 'L-peptide linking' y LYSINE        ? 'C6 H15 N2 O2 1' 147.195 
NH2 non-polymer         . 'AMINO GROUP' ? 'H2 N'           16.023  
PHE 'L-peptide linking' y PHENYLALANINE ? 'C9 H11 N O2'    165.189 
SER 'L-peptide linking' y SERINE        ? 'C3 H7 N O3'     105.093 
THR 'L-peptide linking' y THREONINE     ? 'C4 H9 N O3'     119.119 
TRP 'L-peptide linking' y TRYPTOPHAN    ? 'C11 H12 N2 O2'  204.225 
TYR 'L-peptide linking' y TYROSINE      ? 'C9 H11 N O3'    181.189 
# 
loop_
_pdbx_poly_seq_scheme.asym_id 
_pdbx_poly_seq_scheme.entity_id 
_pdbx_poly_seq_scheme.seq_id 
_pdbx_poly_seq_scheme.mon_id 
_pdbx_poly_seq_scheme.ndb_seq_num 
_pdbx_poly_seq_scheme.pdb_seq_num 
_pdbx_poly_seq_scheme.auth_seq_num 
_pdbx_poly_seq_scheme.pdb_mon_id 
_pdbx_poly_seq_scheme.auth_mon_id 
_pdbx_poly_seq_scheme.pdb_strand_id 
_pdbx_poly_seq_scheme.pdb_ins_code 
_pdbx_poly_seq_scheme.hetero 
A 1 1  LYS 1  1  1  LYS LYS A . n 
A 1 2  TRP 2  2  2  TRP TRP A . n 
A 1 3  ALA 3  3  3  ALA ALA A . n 
A 1 4  SER 4  4  4  SER SER A . n 
A 1 5  LEU 5  5  5  LEU LEU A . n 
A 1 6  TRP 6  6  6  TRP TRP A . n 
A 1 7  ASN 7  7  7  ASN ASN A . n 
A 1 8  TRP 8  8  8  TRP TRP A . n 
A 1 9  PHE 9  9  9  PHE PHE A . n 
A 1 10 ASN 10 10 10 ASN ASN A . n 
A 1 11 ILE 11 11 11 ILE ILE A . n 
A 1 12 THR 12 12 12 THR THR A . n 
A 1 13 ASN 13 13 13 ASN ASN A . n 
A 1 14 TRP 14 14 14 TRP TRP A . n 
A 1 15 LEU 15 15 15 LEU LEU A . n 
A 1 16 TRP 16 16 16 TRP TRP A . n 
A 1 17 TYR 17 17 17 TYR TYR A . n 
A 1 18 ILE 18 18 18 ILE ILE A . n 
A 1 19 LYS 19 19 19 LYS LYS A . n 
A 1 20 NH2 20 20 19 NH2 LYS A . n 
# 
_exptl.entry_id          1JAV 
_exptl.method            'SOLUTION NMR' 
_exptl.crystals_number   ? 
# 
_exptl_crystal.id                    1 
_exptl_crystal.density_meas          ? 
_exptl_crystal.density_Matthews      ? 
_exptl_crystal.density_percent_sol   ? 
_exptl_crystal.description           ? 
# 
_diffrn.id                     1 
_diffrn.ambient_temp           ? 
_diffrn.ambient_temp_details   ? 
_diffrn.crystal_id             1 
# 
_diffrn_radiation.diffrn_id                        1 
_diffrn_radiation.wavelength_id                    1 
_diffrn_radiation.pdbx_monochromatic_or_laue_m_l   M 
_diffrn_radiation.monochromator                    ? 
_diffrn_radiation.pdbx_diffrn_protocol             'SINGLE WAVELENGTH' 
_diffrn_radiation.pdbx_scattering_type             ? 
# 
_diffrn_radiation_wavelength.id           1 
_diffrn_radiation_wavelength.wavelength   . 
_diffrn_radiation_wavelength.wt           1.0 
# 
_struct.entry_id                  1JAV 
_struct.title                     'AVERAGE NMR SOLUTION STRUCTURE OF THE TRP-RICH PEPTIDE OF HIV GP41 BOUND TO DPC MICELLES' 
_struct.pdbx_model_details        ? 
_struct.pdbx_CASP_flag            ? 
_struct.pdbx_model_type_details   ? 
# 
_struct_keywords.entry_id        1JAV 
_struct_keywords.pdbx_keywords   'VIRAL PROTEIN' 
_struct_keywords.text            'amphipathic alpha helix, Viral protein' 
# 
_struct_asym.id                            A 
_struct_asym.pdbx_blank_PDB_chainid_flag   N 
_struct_asym.pdbx_modified                 N 
_struct_asym.entity_id                     1 
_struct_asym.details                       ? 
# 
_struct_ref.id                         1 
_struct_ref.db_name                    UNP 
_struct_ref.db_code                    ENV_HV1H3 
_struct_ref.entity_id                  1 
_struct_ref.pdbx_db_accession          P04624 
_struct_ref.pdbx_align_begin           665 
_struct_ref.pdbx_seq_one_letter_code   KWASLWNWFNITNWLWYIK 
_struct_ref.pdbx_db_isoform            ? 
# 
_struct_ref_seq.align_id                      1 
_struct_ref_seq.ref_id                        1 
_struct_ref_seq.pdbx_PDB_id_code              1JAV 
_struct_ref_seq.pdbx_strand_id                A 
_struct_ref_seq.seq_align_beg                 1 
_struct_ref_seq.pdbx_seq_align_beg_ins_code   ? 
_struct_ref_seq.seq_align_end                 19 
_struct_ref_seq.pdbx_seq_align_end_ins_code   ? 
_struct_ref_seq.pdbx_db_accession             P04624 
_struct_ref_seq.db_align_beg                  665 
_struct_ref_seq.pdbx_db_align_beg_ins_code    ? 
_struct_ref_seq.db_align_end                  683 
_struct_ref_seq.pdbx_db_align_end_ins_code    ? 
_struct_ref_seq.pdbx_auth_seq_align_beg       1 
_struct_ref_seq.pdbx_auth_seq_align_end       19 
# 
_pdbx_struct_assembly.id                   1 
_pdbx_struct_assembly.details              author_defined_assembly 
_pdbx_struct_assembly.method_details       ? 
_pdbx_struct_assembly.oligomeric_details   monomeric 
_pdbx_struct_assembly.oligomeric_count     1 
# 
_pdbx_struct_assembly_gen.assembly_id       1 
_pdbx_struct_assembly_gen.oper_expression   1 
_pdbx_struct_assembly_gen.asym_id_list      A 
# 
_pdbx_struct_oper_list.id                   1 
_pdbx_struct_oper_list.type                 'identity operation' 
_pdbx_struct_oper_list.name                 1_555 
_pdbx_struct_oper_list.symmetry_operation   x,y,z 
_pdbx_struct_oper_list.matrix[1][1]         1.0000000000 
_pdbx_struct_oper_list.matrix[1][2]         0.0000000000 
_pdbx_struct_oper_list.matrix[1][3]         0.0000000000 
_pdbx_struct_oper_list.vector[1]            0.0000000000 
_pdbx_struct_oper_list.matrix[2][1]         0.0000000000 
_pdbx_struct_oper_list.matrix[2][2]         1.0000000000 
_pdbx_struct_oper_list.matrix[2][3]         0.0000000000 
_pdbx_struct_oper_list.vector[2]            0.0000000000 
_pdbx_struct_oper_list.matrix[3][1]         0.0000000000 
_pdbx_struct_oper_list.matrix[3][2]         0.0000000000 
_pdbx_struct_oper_list.matrix[3][3]         1.0000000000 
_pdbx_struct_oper_list.vector[3]            0.0000000000 
# 
_struct_biol.id   1 
# 
loop_
_struct_conf.conf_type_id 
_struct_conf.id 
_struct_conf.pdbx_PDB_helix_id 
_struct_conf.beg_label_comp_id 
_struct_conf.beg_label_asym_id 
_struct_conf.beg_label_seq_id 
_struct_conf.pdbx_beg_PDB_ins_code 
_struct_conf.end_label_comp_id 
_struct_conf.end_label_asym_id 
_struct_conf.end_label_seq_id 
_struct_conf.pdbx_end_PDB_ins_code 
_struct_conf.beg_auth_comp_id 
_struct_conf.beg_auth_asym_id 
_struct_conf.beg_auth_seq_id 
_struct_conf.end_auth_comp_id 
_struct_conf.end_auth_asym_id 
_struct_conf.end_auth_seq_id 
_struct_conf.pdbx_PDB_helix_class 
_struct_conf.details 
_struct_conf.pdbx_PDB_helix_length 
HELX_P HELX_P1 1 LYS A 1  ? SER A 4  ? LYS A 1  SER A 4  5 ? 4  
HELX_P HELX_P2 2 LEU A 5  ? ASN A 10 ? LEU A 5  ASN A 10 1 ? 6  
HELX_P HELX_P3 3 ASN A 10 ? LYS A 19 ? ASN A 10 LYS A 19 1 ? 10 
# 
_struct_conf_type.id          HELX_P 
_struct_conf_type.criteria    ? 
_struct_conf_type.reference   ? 
# 
_struct_conn.id                            covale1 
_struct_conn.conn_type_id                  covale 
_struct_conn.pdbx_leaving_atom_flag        both 
_struct_conn.pdbx_PDB_id                   ? 
_struct_conn.ptnr1_label_asym_id           A 
_struct_conn.ptnr1_label_comp_id           LYS 
_struct_conn.ptnr1_label_seq_id            19 
_struct_conn.ptnr1_label_atom_id           C 
_struct_conn.pdbx_ptnr1_label_alt_id       ? 
_struct_conn.pdbx_ptnr1_PDB_ins_code       ? 
_struct_conn.pdbx_ptnr1_standard_comp_id   ? 
_struct_conn.ptnr1_symmetry                1_555 
_struct_conn.ptnr2_label_asym_id           A 
_struct_conn.ptnr2_label_comp_id           NH2 
_struct_conn.ptnr2_label_seq_id            20 
_struct_conn.ptnr2_label_atom_id           N 
_struct_conn.pdbx_ptnr2_label_alt_id       ? 
_struct_conn.pdbx_ptnr2_PDB_ins_code       ? 
_struct_conn.ptnr1_auth_asym_id            A 
_struct_conn.ptnr1_auth_comp_id            LYS 
_struct_conn.ptnr1_auth_seq_id             19 
_struct_conn.ptnr2_auth_asym_id            A 
_struct_conn.ptnr2_auth_comp_id            NH2 
_struct_conn.ptnr2_auth_seq_id             20 
_struct_conn.ptnr2_symmetry                1_555 
_struct_conn.pdbx_ptnr3_label_atom_id      ? 
_struct_conn.pdbx_ptnr3_label_seq_id       ? 
_struct_conn.pdbx_ptnr3_label_comp_id      ? 
_struct_conn.pdbx_ptnr3_label_asym_id      ? 
_struct_conn.pdbx_ptnr3_label_alt_id       ? 
_struct_conn.pdbx_ptnr3_PDB_ins_code       ? 
_struct_conn.details                       ? 
_struct_conn.pdbx_dist_value               1.329 
_struct_conn.pdbx_value_order              ? 
_struct_conn.pdbx_role                     ? 
# 
_struct_conn_type.id          covale 
_struct_conn_type.criteria    ? 
_struct_conn_type.reference   ? 
# 
_pdbx_modification_feature.ordinal                            1 
_pdbx_modification_feature.label_comp_id                      NH2 
_pdbx_modification_feature.label_asym_id                      A 
_pdbx_modification_feature.label_seq_id                       20 
_pdbx_modification_feature.label_alt_id                       ? 
_pdbx_modification_feature.modified_residue_label_comp_id     LYS 
_pdbx_modification_feature.modified_residue_label_asym_id     A 
_pdbx_modification_feature.modified_residue_label_seq_id      19 
_pdbx_modification_feature.modified_residue_label_alt_id      ? 
_pdbx_modification_feature.auth_comp_id                       NH2 
_pdbx_modification_feature.auth_asym_id                       A 
_pdbx_modification_feature.auth_seq_id                        20 
_pdbx_modification_feature.PDB_ins_code                       ? 
_pdbx_modification_feature.symmetry                           1_555 
_pdbx_modification_feature.modified_residue_auth_comp_id      LYS 
_pdbx_modification_feature.modified_residue_auth_asym_id      A 
_pdbx_modification_feature.modified_residue_auth_seq_id       19 
_pdbx_modification_feature.modified_residue_PDB_ins_code      ? 
_pdbx_modification_feature.modified_residue_symmetry          1_555 
_pdbx_modification_feature.comp_id_linking_atom               . 
_pdbx_modification_feature.modified_residue_id_linking_atom   . 
_pdbx_modification_feature.modified_residue_id                LYS 
_pdbx_modification_feature.ref_pcm_id                         20 
_pdbx_modification_feature.ref_comp_id                        NH2 
_pdbx_modification_feature.type                               None 
_pdbx_modification_feature.category                           'Terminal amidation' 
# 
_struct_site.id                   AC1 
_struct_site.pdbx_evidence_code   Software 
_struct_site.pdbx_auth_asym_id    A 
_struct_site.pdbx_auth_comp_id    NH2 
_struct_site.pdbx_auth_seq_id     20 
_struct_site.pdbx_auth_ins_code   ? 
_struct_site.pdbx_num_residues    2 
_struct_site.details              'BINDING SITE FOR RESIDUE NH2 A 20' 
# 
loop_
_struct_site_gen.id 
_struct_site_gen.site_id 
_struct_site_gen.pdbx_num_res 
_struct_site_gen.label_comp_id 
_struct_site_gen.label_asym_id 
_struct_site_gen.label_seq_id 
_struct_site_gen.pdbx_auth_ins_code 
_struct_site_gen.auth_comp_id 
_struct_site_gen.auth_asym_id 
_struct_site_gen.auth_seq_id 
_struct_site_gen.label_atom_id 
_struct_site_gen.label_alt_id 
_struct_site_gen.symmetry 
_struct_site_gen.details 
1 AC1 2 ILE A 18 ? ILE A 18 . ? 1_555 ? 
2 AC1 2 LYS A 19 ? LYS A 19 . ? 1_555 ? 
# 
_pdbx_entry_details.entry_id                   1JAV 
_pdbx_entry_details.compound_details           ? 
_pdbx_entry_details.source_details             ? 
_pdbx_entry_details.nonpolymer_details         ? 
_pdbx_entry_details.sequence_details           ? 
_pdbx_entry_details.has_ligand_of_interest     ? 
_pdbx_entry_details.has_protein_modification   Y 
# 
loop_
_pdbx_validate_torsion.id 
_pdbx_validate_torsion.PDB_model_num 
_pdbx_validate_torsion.auth_comp_id 
_pdbx_validate_torsion.auth_asym_id 
_pdbx_validate_torsion.auth_seq_id 
_pdbx_validate_torsion.PDB_ins_code 
_pdbx_validate_torsion.label_alt_id 
_pdbx_validate_torsion.phi 
_pdbx_validate_torsion.psi 
1 1 TRP A 2 ? ? -69.61 4.98 
2 1 ALA A 3 ? ? -68.08 5.45 
# 
_pdbx_nmr_ensemble.entry_id                             1JAV 
_pdbx_nmr_ensemble.conformers_calculated_total_number   ? 
_pdbx_nmr_ensemble.conformers_submitted_total_number    1 
_pdbx_nmr_ensemble.conformer_selection_criteria         ? 
# 
loop_
_pdbx_nmr_sample_details.solution_id 
_pdbx_nmr_sample_details.contents 
_pdbx_nmr_sample_details.solvent_system 
1 '1.6 mM synthetic gp41 peptide, 200 mM perdeuterated dodecylphosphocholine' '90% H2O/10% D2O' 
2 '1.6 mM synthetic gp41 peptide, 200 mM perdeuterated dodecylphosphocholine' '100% D2O'        
# 
_pdbx_nmr_exptl_sample_conditions.conditions_id       1 
_pdbx_nmr_exptl_sample_conditions.temperature         310 
_pdbx_nmr_exptl_sample_conditions.pressure            ambient 
_pdbx_nmr_exptl_sample_conditions.pH                  3.51 
_pdbx_nmr_exptl_sample_conditions.ionic_strength      '200 mM DPC-d38' 
_pdbx_nmr_exptl_sample_conditions.pressure_units      ? 
_pdbx_nmr_exptl_sample_conditions.temperature_units   K 
# 
loop_
_pdbx_nmr_exptl.experiment_id 
_pdbx_nmr_exptl.solution_id 
_pdbx_nmr_exptl.conditions_id 
_pdbx_nmr_exptl.type 
1 1 1 '2D NOESY' 
2 1 1 DQF-COSY   
3 1 1 '2D TOCSY' 
4 2 1 '2D NOESY' 
5 2 1 '2D TOCSY' 
# 
_pdbx_nmr_details.entry_id   1JAV 
_pdbx_nmr_details.text       'This structure was determined using standard 2D homonuclear techniques.' 
# 
_pdbx_nmr_refine.entry_id           1JAV 
_pdbx_nmr_refine.method             
;distance geometry,  
simulated annealing,  
molecular dynamics,  
matrix relaxation
;
_pdbx_nmr_refine.details            
;Structures were initially generated using CNS. Ambiguous and unassigned noe constraints 
were then used in conjuction with matrix relaxation analysis using the program ARIA.
;
_pdbx_nmr_refine.software_ordinal   1 
# 
loop_
_pdbx_nmr_software.name 
_pdbx_nmr_software.version 
_pdbx_nmr_software.classification 
_pdbx_nmr_software.authors 
_pdbx_nmr_software.ordinal 
XwinNMR 2.6   collection                    Bruker 1 
NMRPipe 1.8   processing                    'F.Delaglio, S.Grzesiek, G.Vuister, G.Zhu, J.Pfeifer, A.Bax' 2 
NMRView 4.1.3 'data analysis'               'B.Johnson, R.A. Blevins' 3 
CNS     1.0   'structure solution'          
;A.T.Brunger, P.D.Adams, G.M.Clore, W.L.Delano, P.Gros, R.W.Grosse-Kunstleve, 
J.-S.Jiang, J.Kuszewski, M.Nilges, N.S.Pannu, R.J.Read, L.M.Rice, T.Simonson, G.L.Warren
;
4 
ARIA    1.0   'iterative matrix relaxation' 
;M.Nilges, J.Linge, S.O'Donoghue
;
5 
CNS     1.0   refinement                    
;A.T.Brunger, P.D.Adams, G.M.Clore, W.L.Delano, P.Gros, R.W.Grosse-Kunstleve, 
J.-S.Jiang, J.Kuszewski, M.Nilges, N.S.Pannu, R.J.Read, L.M.Rice, T.Simonson, G.L.Warren
;
6 
# 
loop_
_chem_comp_atom.comp_id 
_chem_comp_atom.atom_id 
_chem_comp_atom.type_symbol 
_chem_comp_atom.pdbx_aromatic_flag 
_chem_comp_atom.pdbx_stereo_config 
_chem_comp_atom.pdbx_ordinal 
ALA N    N N N 1   
ALA CA   C N S 2   
ALA C    C N N 3   
ALA O    O N N 4   
ALA CB   C N N 5   
ALA OXT  O N N 6   
ALA H    H N N 7   
ALA H2   H N N 8   
ALA HA   H N N 9   
ALA HB1  H N N 10  
ALA HB2  H N N 11  
ALA HB3  H N N 12  
ALA HXT  H N N 13  
ASN N    N N N 14  
ASN CA   C N S 15  
ASN C    C N N 16  
ASN O    O N N 17  
ASN CB   C N N 18  
ASN CG   C N N 19  
ASN OD1  O N N 20  
ASN ND2  N N N 21  
ASN OXT  O N N 22  
ASN H    H N N 23  
ASN H2   H N N 24  
ASN HA   H N N 25  
ASN HB2  H N N 26  
ASN HB3  H N N 27  
ASN HD21 H N N 28  
ASN HD22 H N N 29  
ASN HXT  H N N 30  
ILE N    N N N 31  
ILE CA   C N S 32  
ILE C    C N N 33  
ILE O    O N N 34  
ILE CB   C N S 35  
ILE CG1  C N N 36  
ILE CG2  C N N 37  
ILE CD1  C N N 38  
ILE OXT  O N N 39  
ILE H    H N N 40  
ILE H2   H N N 41  
ILE HA   H N N 42  
ILE HB   H N N 43  
ILE HG12 H N N 44  
ILE HG13 H N N 45  
ILE HG21 H N N 46  
ILE HG22 H N N 47  
ILE HG23 H N N 48  
ILE HD11 H N N 49  
ILE HD12 H N N 50  
ILE HD13 H N N 51  
ILE HXT  H N N 52  
LEU N    N N N 53  
LEU CA   C N S 54  
LEU C    C N N 55  
LEU O    O N N 56  
LEU CB   C N N 57  
LEU CG   C N N 58  
LEU CD1  C N N 59  
LEU CD2  C N N 60  
LEU OXT  O N N 61  
LEU H    H N N 62  
LEU H2   H N N 63  
LEU HA   H N N 64  
LEU HB2  H N N 65  
LEU HB3  H N N 66  
LEU HG   H N N 67  
LEU HD11 H N N 68  
LEU HD12 H N N 69  
LEU HD13 H N N 70  
LEU HD21 H N N 71  
LEU HD22 H N N 72  
LEU HD23 H N N 73  
LEU HXT  H N N 74  
LYS N    N N N 75  
LYS CA   C N S 76  
LYS C    C N N 77  
LYS O    O N N 78  
LYS CB   C N N 79  
LYS CG   C N N 80  
LYS CD   C N N 81  
LYS CE   C N N 82  
LYS NZ   N N N 83  
LYS OXT  O N N 84  
LYS H    H N N 85  
LYS H2   H N N 86  
LYS HA   H N N 87  
LYS HB2  H N N 88  
LYS HB3  H N N 89  
LYS HG2  H N N 90  
LYS HG3  H N N 91  
LYS HD2  H N N 92  
LYS HD3  H N N 93  
LYS HE2  H N N 94  
LYS HE3  H N N 95  
LYS HZ1  H N N 96  
LYS HZ2  H N N 97  
LYS HZ3  H N N 98  
LYS HXT  H N N 99  
NH2 N    N N N 100 
NH2 HN1  H N N 101 
NH2 HN2  H N N 102 
PHE N    N N N 103 
PHE CA   C N S 104 
PHE C    C N N 105 
PHE O    O N N 106 
PHE CB   C N N 107 
PHE CG   C Y N 108 
PHE CD1  C Y N 109 
PHE CD2  C Y N 110 
PHE CE1  C Y N 111 
PHE CE2  C Y N 112 
PHE CZ   C Y N 113 
PHE OXT  O N N 114 
PHE H    H N N 115 
PHE H2   H N N 116 
PHE HA   H N N 117 
PHE HB2  H N N 118 
PHE HB3  H N N 119 
PHE HD1  H N N 120 
PHE HD2  H N N 121 
PHE HE1  H N N 122 
PHE HE2  H N N 123 
PHE HZ   H N N 124 
PHE HXT  H N N 125 
SER N    N N N 126 
SER CA   C N S 127 
SER C    C N N 128 
SER O    O N N 129 
SER CB   C N N 130 
SER OG   O N N 131 
SER OXT  O N N 132 
SER H    H N N 133 
SER H2   H N N 134 
SER HA   H N N 135 
SER HB2  H N N 136 
SER HB3  H N N 137 
SER HG   H N N 138 
SER HXT  H N N 139 
THR N    N N N 140 
THR CA   C N S 141 
THR C    C N N 142 
THR O    O N N 143 
THR CB   C N R 144 
THR OG1  O N N 145 
THR CG2  C N N 146 
THR OXT  O N N 147 
THR H    H N N 148 
THR H2   H N N 149 
THR HA   H N N 150 
THR HB   H N N 151 
THR HG1  H N N 152 
THR HG21 H N N 153 
THR HG22 H N N 154 
THR HG23 H N N 155 
THR HXT  H N N 156 
TRP N    N N N 157 
TRP CA   C N S 158 
TRP C    C N N 159 
TRP O    O N N 160 
TRP CB   C N N 161 
TRP CG   C Y N 162 
TRP CD1  C Y N 163 
TRP CD2  C Y N 164 
TRP NE1  N Y N 165 
TRP CE2  C Y N 166 
TRP CE3  C Y N 167 
TRP CZ2  C Y N 168 
TRP CZ3  C Y N 169 
TRP CH2  C Y N 170 
TRP OXT  O N N 171 
TRP H    H N N 172 
TRP H2   H N N 173 
TRP HA   H N N 174 
TRP HB2  H N N 175 
TRP HB3  H N N 176 
TRP HD1  H N N 177 
TRP HE1  H N N 178 
TRP HE3  H N N 179 
TRP HZ2  H N N 180 
TRP HZ3  H N N 181 
TRP HH2  H N N 182 
TRP HXT  H N N 183 
TYR N    N N N 184 
TYR CA   C N S 185 
TYR C    C N N 186 
TYR O    O N N 187 
TYR CB   C N N 188 
TYR CG   C Y N 189 
TYR CD1  C Y N 190 
TYR CD2  C Y N 191 
TYR CE1  C Y N 192 
TYR CE2  C Y N 193 
TYR CZ   C Y N 194 
TYR OH   O N N 195 
TYR OXT  O N N 196 
TYR H    H N N 197 
TYR H2   H N N 198 
TYR HA   H N N 199 
TYR HB2  H N N 200 
TYR HB3  H N N 201 
TYR HD1  H N N 202 
TYR HD2  H N N 203 
TYR HE1  H N N 204 
TYR HE2  H N N 205 
TYR HH   H N N 206 
TYR HXT  H N N 207 
# 
loop_
_chem_comp_bond.comp_id 
_chem_comp_bond.atom_id_1 
_chem_comp_bond.atom_id_2 
_chem_comp_bond.value_order 
_chem_comp_bond.pdbx_aromatic_flag 
_chem_comp_bond.pdbx_stereo_config 
_chem_comp_bond.pdbx_ordinal 
ALA N   CA   sing N N 1   
ALA N   H    sing N N 2   
ALA N   H2   sing N N 3   
ALA CA  C    sing N N 4   
ALA CA  CB   sing N N 5   
ALA CA  HA   sing N N 6   
ALA C   O    doub N N 7   
ALA C   OXT  sing N N 8   
ALA CB  HB1  sing N N 9   
ALA CB  HB2  sing N N 10  
ALA CB  HB3  sing N N 11  
ALA OXT HXT  sing N N 12  
ASN N   CA   sing N N 13  
ASN N   H    sing N N 14  
ASN N   H2   sing N N 15  
ASN CA  C    sing N N 16  
ASN CA  CB   sing N N 17  
ASN CA  HA   sing N N 18  
ASN C   O    doub N N 19  
ASN C   OXT  sing N N 20  
ASN CB  CG   sing N N 21  
ASN CB  HB2  sing N N 22  
ASN CB  HB3  sing N N 23  
ASN CG  OD1  doub N N 24  
ASN CG  ND2  sing N N 25  
ASN ND2 HD21 sing N N 26  
ASN ND2 HD22 sing N N 27  
ASN OXT HXT  sing N N 28  
ILE N   CA   sing N N 29  
ILE N   H    sing N N 30  
ILE N   H2   sing N N 31  
ILE CA  C    sing N N 32  
ILE CA  CB   sing N N 33  
ILE CA  HA   sing N N 34  
ILE C   O    doub N N 35  
ILE C   OXT  sing N N 36  
ILE CB  CG1  sing N N 37  
ILE CB  CG2  sing N N 38  
ILE CB  HB   sing N N 39  
ILE CG1 CD1  sing N N 40  
ILE CG1 HG12 sing N N 41  
ILE CG1 HG13 sing N N 42  
ILE CG2 HG21 sing N N 43  
ILE CG2 HG22 sing N N 44  
ILE CG2 HG23 sing N N 45  
ILE CD1 HD11 sing N N 46  
ILE CD1 HD12 sing N N 47  
ILE CD1 HD13 sing N N 48  
ILE OXT HXT  sing N N 49  
LEU N   CA   sing N N 50  
LEU N   H    sing N N 51  
LEU N   H2   sing N N 52  
LEU CA  C    sing N N 53  
LEU CA  CB   sing N N 54  
LEU CA  HA   sing N N 55  
LEU C   O    doub N N 56  
LEU C   OXT  sing N N 57  
LEU CB  CG   sing N N 58  
LEU CB  HB2  sing N N 59  
LEU CB  HB3  sing N N 60  
LEU CG  CD1  sing N N 61  
LEU CG  CD2  sing N N 62  
LEU CG  HG   sing N N 63  
LEU CD1 HD11 sing N N 64  
LEU CD1 HD12 sing N N 65  
LEU CD1 HD13 sing N N 66  
LEU CD2 HD21 sing N N 67  
LEU CD2 HD22 sing N N 68  
LEU CD2 HD23 sing N N 69  
LEU OXT HXT  sing N N 70  
LYS N   CA   sing N N 71  
LYS N   H    sing N N 72  
LYS N   H2   sing N N 73  
LYS CA  C    sing N N 74  
LYS CA  CB   sing N N 75  
LYS CA  HA   sing N N 76  
LYS C   O    doub N N 77  
LYS C   OXT  sing N N 78  
LYS CB  CG   sing N N 79  
LYS CB  HB2  sing N N 80  
LYS CB  HB3  sing N N 81  
LYS CG  CD   sing N N 82  
LYS CG  HG2  sing N N 83  
LYS CG  HG3  sing N N 84  
LYS CD  CE   sing N N 85  
LYS CD  HD2  sing N N 86  
LYS CD  HD3  sing N N 87  
LYS CE  NZ   sing N N 88  
LYS CE  HE2  sing N N 89  
LYS CE  HE3  sing N N 90  
LYS NZ  HZ1  sing N N 91  
LYS NZ  HZ2  sing N N 92  
LYS NZ  HZ3  sing N N 93  
LYS OXT HXT  sing N N 94  
NH2 N   HN1  sing N N 95  
NH2 N   HN2  sing N N 96  
PHE N   CA   sing N N 97  
PHE N   H    sing N N 98  
PHE N   H2   sing N N 99  
PHE CA  C    sing N N 100 
PHE CA  CB   sing N N 101 
PHE CA  HA   sing N N 102 
PHE C   O    doub N N 103 
PHE C   OXT  sing N N 104 
PHE CB  CG   sing N N 105 
PHE CB  HB2  sing N N 106 
PHE CB  HB3  sing N N 107 
PHE CG  CD1  doub Y N 108 
PHE CG  CD2  sing Y N 109 
PHE CD1 CE1  sing Y N 110 
PHE CD1 HD1  sing N N 111 
PHE CD2 CE2  doub Y N 112 
PHE CD2 HD2  sing N N 113 
PHE CE1 CZ   doub Y N 114 
PHE CE1 HE1  sing N N 115 
PHE CE2 CZ   sing Y N 116 
PHE CE2 HE2  sing N N 117 
PHE CZ  HZ   sing N N 118 
PHE OXT HXT  sing N N 119 
SER N   CA   sing N N 120 
SER N   H    sing N N 121 
SER N   H2   sing N N 122 
SER CA  C    sing N N 123 
SER CA  CB   sing N N 124 
SER CA  HA   sing N N 125 
SER C   O    doub N N 126 
SER C   OXT  sing N N 127 
SER CB  OG   sing N N 128 
SER CB  HB2  sing N N 129 
SER CB  HB3  sing N N 130 
SER OG  HG   sing N N 131 
SER OXT HXT  sing N N 132 
THR N   CA   sing N N 133 
THR N   H    sing N N 134 
THR N   H2   sing N N 135 
THR CA  C    sing N N 136 
THR CA  CB   sing N N 137 
THR CA  HA   sing N N 138 
THR C   O    doub N N 139 
THR C   OXT  sing N N 140 
THR CB  OG1  sing N N 141 
THR CB  CG2  sing N N 142 
THR CB  HB   sing N N 143 
THR OG1 HG1  sing N N 144 
THR CG2 HG21 sing N N 145 
THR CG2 HG22 sing N N 146 
THR CG2 HG23 sing N N 147 
THR OXT HXT  sing N N 148 
TRP N   CA   sing N N 149 
TRP N   H    sing N N 150 
TRP N   H2   sing N N 151 
TRP CA  C    sing N N 152 
TRP CA  CB   sing N N 153 
TRP CA  HA   sing N N 154 
TRP C   O    doub N N 155 
TRP C   OXT  sing N N 156 
TRP CB  CG   sing N N 157 
TRP CB  HB2  sing N N 158 
TRP CB  HB3  sing N N 159 
TRP CG  CD1  doub Y N 160 
TRP CG  CD2  sing Y N 161 
TRP CD1 NE1  sing Y N 162 
TRP CD1 HD1  sing N N 163 
TRP CD2 CE2  doub Y N 164 
TRP CD2 CE3  sing Y N 165 
TRP NE1 CE2  sing Y N 166 
TRP NE1 HE1  sing N N 167 
TRP CE2 CZ2  sing Y N 168 
TRP CE3 CZ3  doub Y N 169 
TRP CE3 HE3  sing N N 170 
TRP CZ2 CH2  doub Y N 171 
TRP CZ2 HZ2  sing N N 172 
TRP CZ3 CH2  sing Y N 173 
TRP CZ3 HZ3  sing N N 174 
TRP CH2 HH2  sing N N 175 
TRP OXT HXT  sing N N 176 
TYR N   CA   sing N N 177 
TYR N   H    sing N N 178 
TYR N   H2   sing N N 179 
TYR CA  C    sing N N 180 
TYR CA  CB   sing N N 181 
TYR CA  HA   sing N N 182 
TYR C   O    doub N N 183 
TYR C   OXT  sing N N 184 
TYR CB  CG   sing N N 185 
TYR CB  HB2  sing N N 186 
TYR CB  HB3  sing N N 187 
TYR CG  CD1  doub Y N 188 
TYR CG  CD2  sing Y N 189 
TYR CD1 CE1  sing Y N 190 
TYR CD1 HD1  sing N N 191 
TYR CD2 CE2  doub Y N 192 
TYR CD2 HD2  sing N N 193 
TYR CE1 CZ   doub Y N 194 
TYR CE1 HE1  sing N N 195 
TYR CE2 CZ   sing Y N 196 
TYR CE2 HE2  sing N N 197 
TYR CZ  OH   sing N N 198 
TYR OH  HH   sing N N 199 
TYR OXT HXT  sing N N 200 
# 
loop_
_pdbx_nmr_spectrometer.spectrometer_id 
_pdbx_nmr_spectrometer.type 
_pdbx_nmr_spectrometer.manufacturer 
_pdbx_nmr_spectrometer.model 
_pdbx_nmr_spectrometer.field_strength 
1 ? Bruker AVANCE 500 
2 ? Varian INOVA  800 
# 
_atom_sites.entry_id                    1JAV 
_atom_sites.fract_transf_matrix[1][1]   1.000000 
_atom_sites.fract_transf_matrix[1][2]   0.000000 
_atom_sites.fract_transf_matrix[1][3]   0.000000 
_atom_sites.fract_transf_matrix[2][1]   0.000000 
_atom_sites.fract_transf_matrix[2][2]   1.000000 
_atom_sites.fract_transf_matrix[2][3]   0.000000 
_atom_sites.fract_transf_matrix[3][1]   0.000000 
_atom_sites.fract_transf_matrix[3][2]   0.000000 
_atom_sites.fract_transf_matrix[3][3]   1.000000 
_atom_sites.fract_transf_vector[1]      0.00000 
_atom_sites.fract_transf_vector[2]      0.00000 
_atom_sites.fract_transf_vector[3]      0.00000 
# 
loop_
_atom_type.symbol 
C 
H 
N 
O 
# 
loop_
_atom_site.group_PDB 
_atom_site.id 
_atom_site.type_symbol 
_atom_site.label_atom_id 
_atom_site.label_alt_id 
_atom_site.label_comp_id 
_atom_site.label_asym_id 
_atom_site.label_entity_id 
_atom_site.label_seq_id 
_atom_site.pdbx_PDB_ins_code 
_atom_site.Cartn_x 
_atom_site.Cartn_y 
_atom_site.Cartn_z 
_atom_site.occupancy 
_atom_site.B_iso_or_equiv 
_atom_site.pdbx_formal_charge 
_atom_site.auth_seq_id 
_atom_site.auth_comp_id 
_atom_site.auth_asym_id 
_atom_site.auth_atom_id 
_atom_site.pdbx_PDB_model_num 
ATOM   1   N N    . LYS A 1 1  ? -10.887 3.345   12.287  1.00 2.55 ? 1  LYS A N    1 
ATOM   2   C CA   . LYS A 1 1  ? -11.530 4.090   11.173  1.00 2.29 ? 1  LYS A CA   1 
ATOM   3   C C    . LYS A 1 1  ? -11.025 3.595   9.820   1.00 2.01 ? 1  LYS A C    1 
ATOM   4   O O    . LYS A 1 1  ? -10.375 2.553   9.734   1.00 2.04 ? 1  LYS A O    1 
ATOM   5   C CB   . LYS A 1 1  ? -11.231 5.581   11.351  1.00 2.24 ? 1  LYS A CB   1 
ATOM   6   C CG   . LYS A 1 1  ? -9.755  5.891   11.545  1.00 2.41 ? 1  LYS A CG   1 
ATOM   7   C CD   . LYS A 1 1  ? -9.356  7.173   10.831  1.00 2.38 ? 1  LYS A CD   1 
ATOM   8   C CE   . LYS A 1 1  ? -10.022 8.391   11.452  1.00 2.67 ? 1  LYS A CE   1 
ATOM   9   N NZ   . LYS A 1 1  ? -9.147  9.051   12.460  1.00 3.11 ? 1  LYS A NZ   1 
ATOM   10  H H1   . LYS A 1 1  ? -10.752 3.971   13.106  1.00 2.80 ? 1  LYS A H1   1 
ATOM   11  H H2   . LYS A 1 1  ? -9.960  2.981   11.986  1.00 2.70 ? 1  LYS A H2   1 
ATOM   12  H H3   . LYS A 1 1  ? -11.485 2.543   12.573  1.00 2.87 ? 1  LYS A H3   1 
ATOM   13  H HA   . LYS A 1 1  ? -12.597 3.933   11.229  1.00 2.46 ? 1  LYS A HA   1 
ATOM   14  H HB2  . LYS A 1 1  ? -11.577 6.114   10.479  1.00 2.42 ? 1  LYS A HB2  1 
ATOM   15  H HB3  . LYS A 1 1  ? -11.767 5.942   12.216  1.00 2.20 ? 1  LYS A HB3  1 
ATOM   16  H HG2  . LYS A 1 1  ? -9.556  6.002   12.599  1.00 2.76 ? 1  LYS A HG2  1 
ATOM   17  H HG3  . LYS A 1 1  ? -9.171  5.073   11.149  1.00 2.67 ? 1  LYS A HG3  1 
ATOM   18  H HD2  . LYS A 1 1  ? -8.284  7.291   10.897  1.00 2.56 ? 1  LYS A HD2  1 
ATOM   19  H HD3  . LYS A 1 1  ? -9.649  7.104   9.794   1.00 2.61 ? 1  LYS A HD3  1 
ATOM   20  H HE2  . LYS A 1 1  ? -10.252 9.100   10.670  1.00 2.85 ? 1  LYS A HE2  1 
ATOM   21  H HE3  . LYS A 1 1  ? -10.937 8.078   11.933  1.00 3.12 ? 1  LYS A HE3  1 
ATOM   22  H HZ1  . LYS A 1 1  ? -9.022  8.430   13.286  1.00 3.45 ? 1  LYS A HZ1  1 
ATOM   23  H HZ2  . LYS A 1 1  ? -9.575  9.945   12.775  1.00 3.47 ? 1  LYS A HZ2  1 
ATOM   24  H HZ3  . LYS A 1 1  ? -8.215  9.253   12.047  1.00 3.36 ? 1  LYS A HZ3  1 
ATOM   25  N N    . TRP A 1 2  ? -11.333 4.342   8.762   1.00 1.84 ? 2  TRP A N    1 
ATOM   26  C CA   . TRP A 1 2  ? -10.916 3.971   7.413   1.00 1.61 ? 2  TRP A CA   1 
ATOM   27  C C    . TRP A 1 2  ? -9.406  4.116   7.234   1.00 1.39 ? 2  TRP A C    1 
ATOM   28  O O    . TRP A 1 2  ? -8.884  3.934   6.136   1.00 1.25 ? 2  TRP A O    1 
ATOM   29  C CB   . TRP A 1 2  ? -11.644 4.830   6.374   1.00 1.68 ? 2  TRP A CB   1 
ATOM   30  C CG   . TRP A 1 2  ? -11.481 6.305   6.592   1.00 1.74 ? 2  TRP A CG   1 
ATOM   31  C CD1  . TRP A 1 2  ? -12.338 7.135   7.256   1.00 1.94 ? 2  TRP A CD1  1 
ATOM   32  C CD2  . TRP A 1 2  ? -10.397 7.126   6.139   1.00 1.66 ? 2  TRP A CD2  1 
ATOM   33  N NE1  . TRP A 1 2  ? -11.853 8.420   7.245   1.00 1.98 ? 2  TRP A NE1  1 
ATOM   34  C CE2  . TRP A 1 2  ? -10.663 8.441   6.566   1.00 1.81 ? 2  TRP A CE2  1 
ATOM   35  C CE3  . TRP A 1 2  ? -9.226  6.879   5.415   1.00 1.54 ? 2  TRP A CE3  1 
ATOM   36  C CZ2  . TRP A 1 2  ? -9.804  9.502   6.293   1.00 1.83 ? 2  TRP A CZ2  1 
ATOM   37  C CZ3  . TRP A 1 2  ? -8.374  7.932   5.146   1.00 1.59 ? 2  TRP A CZ3  1 
ATOM   38  C CH2  . TRP A 1 2  ? -8.665  9.230   5.584   1.00 1.73 ? 2  TRP A CH2  1 
ATOM   39  H H    . TRP A 1 2  ? -11.859 5.158   8.889   1.00 1.94 ? 2  TRP A H    1 
ATOM   40  H HA   . TRP A 1 2  ? -11.184 2.937   7.259   1.00 1.60 ? 2  TRP A HA   1 
ATOM   41  H HB2  . TRP A 1 2  ? -11.263 4.593   5.393   1.00 1.60 ? 2  TRP A HB2  1 
ATOM   42  H HB3  . TRP A 1 2  ? -12.699 4.602   6.408   1.00 1.83 ? 2  TRP A HB3  1 
ATOM   43  H HD1  . TRP A 1 2  ? -13.260 6.814   7.718   1.00 2.08 ? 2  TRP A HD1  1 
ATOM   44  H HE1  . TRP A 1 2  ? -12.288 9.196   7.656   1.00 2.13 ? 2  TRP A HE1  1 
ATOM   45  H HE3  . TRP A 1 2  ? -8.984  5.886   5.070   1.00 1.47 ? 2  TRP A HE3  1 
ATOM   46  H HZ2  . TRP A 1 2  ? -10.015 10.507  6.623   1.00 1.97 ? 2  TRP A HZ2  1 
ATOM   47  H HZ3  . TRP A 1 2  ? -7.466  7.759   4.588   1.00 1.58 ? 2  TRP A HZ3  1 
ATOM   48  H HH2  . TRP A 1 2  ? -7.971  10.023  5.349   1.00 1.79 ? 2  TRP A HH2  1 
ATOM   49  N N    . ALA A 1 3  ? -8.706  4.442   8.316   1.00 1.43 ? 3  ALA A N    1 
ATOM   50  C CA   . ALA A 1 3  ? -7.257  4.610   8.269   1.00 1.30 ? 3  ALA A CA   1 
ATOM   51  C C    . ALA A 1 3  ? -6.543  3.283   8.017   1.00 1.14 ? 3  ALA A C    1 
ATOM   52  O O    . ALA A 1 3  ? -5.316  3.217   8.047   1.00 1.14 ? 3  ALA A O    1 
ATOM   53  C CB   . ALA A 1 3  ? -6.759  5.235   9.564   1.00 1.45 ? 3  ALA A CB   1 
ATOM   54  H H    . ALA A 1 3  ? -9.174  4.576   9.166   1.00 1.58 ? 3  ALA A H    1 
ATOM   55  H HA   . ALA A 1 3  ? -7.028  5.289   7.461   1.00 1.26 ? 3  ALA A HA   1 
ATOM   56  H HB1  . ALA A 1 3  ? -6.121  4.532   10.080  1.00 1.86 ? 3  ALA A HB1  1 
ATOM   57  H HB2  . ALA A 1 3  ? -7.603  5.482   10.191  1.00 1.80 ? 3  ALA A HB2  1 
ATOM   58  H HB3  . ALA A 1 3  ? -6.201  6.132   9.340   1.00 1.76 ? 3  ALA A HB3  1 
ATOM   59  N N    . SER A 1 4  ? -7.317  2.228   7.770   1.00 1.09 ? 4  SER A N    1 
ATOM   60  C CA   . SER A 1 4  ? -6.749  0.910   7.518   1.00 1.01 ? 4  SER A CA   1 
ATOM   61  C C    . SER A 1 4  ? -6.769  0.572   6.028   1.00 0.87 ? 4  SER A C    1 
ATOM   62  O O    . SER A 1 4  ? -6.918  -0.591  5.649   1.00 0.91 ? 4  SER A O    1 
ATOM   63  C CB   . SER A 1 4  ? -7.516  -0.157  8.301   1.00 1.20 ? 4  SER A CB   1 
ATOM   64  O OG   . SER A 1 4  ? -8.900  -0.118  7.998   1.00 1.81 ? 4  SER A OG   1 
ATOM   65  H H    . SER A 1 4  ? -8.289  2.339   7.761   1.00 1.17 ? 4  SER A H    1 
ATOM   66  H HA   . SER A 1 4  ? -5.724  0.922   7.856   1.00 0.96 ? 4  SER A HA   1 
ATOM   67  H HB2  . SER A 1 4  ? -7.132  -1.133  8.047   1.00 1.51 ? 4  SER A HB2  1 
ATOM   68  H HB3  . SER A 1 4  ? -7.387  0.016   9.359   1.00 1.33 ? 4  SER A HB3  1 
ATOM   69  H HG   . SER A 1 4  ? -9.126  0.747   7.649   1.00 2.24 ? 4  SER A HG   1 
ATOM   70  N N    . LEU A 1 5  ? -6.609  1.588   5.185   1.00 0.78 ? 5  LEU A N    1 
ATOM   71  C CA   . LEU A 1 5  ? -6.604  1.382   3.742   1.00 0.68 ? 5  LEU A CA   1 
ATOM   72  C C    . LEU A 1 5  ? -5.395  2.053   3.095   1.00 0.57 ? 5  LEU A C    1 
ATOM   73  O O    . LEU A 1 5  ? -5.077  1.791   1.935   1.00 0.59 ? 5  LEU A O    1 
ATOM   74  C CB   . LEU A 1 5  ? -7.903  1.901   3.111   1.00 0.82 ? 5  LEU A CB   1 
ATOM   75  C CG   . LEU A 1 5  ? -8.113  3.418   3.174   1.00 0.97 ? 5  LEU A CG   1 
ATOM   76  C CD1  . LEU A 1 5  ? -7.500  4.097   1.959   1.00 0.95 ? 5  LEU A CD1  1 
ATOM   77  C CD2  . LEU A 1 5  ? -9.595  3.746   3.271   1.00 1.19 ? 5  LEU A CD2  1 
ATOM   78  H H    . LEU A 1 5  ? -6.488  2.494   5.541   1.00 0.83 ? 5  LEU A H    1 
ATOM   79  H HA   . LEU A 1 5  ? -6.537  0.318   3.567   1.00 0.66 ? 5  LEU A HA   1 
ATOM   80  H HB2  . LEU A 1 5  ? -7.918  1.603   2.074   1.00 0.75 ? 5  LEU A HB2  1 
ATOM   81  H HB3  . LEU A 1 5  ? -8.733  1.429   3.615   1.00 0.93 ? 5  LEU A HB3  1 
ATOM   82  H HG   . LEU A 1 5  ? -7.624  3.807   4.057   1.00 1.00 ? 5  LEU A HG   1 
ATOM   83  H HD11 . LEU A 1 5  ? -6.962  3.368   1.372   1.00 1.36 ? 5  LEU A HD11 1 
ATOM   84  H HD12 . LEU A 1 5  ? -6.820  4.871   2.283   1.00 1.39 ? 5  LEU A HD12 1 
ATOM   85  H HD13 . LEU A 1 5  ? -8.284  4.535   1.358   1.00 1.44 ? 5  LEU A HD13 1 
ATOM   86  H HD21 . LEU A 1 5  ? -9.722  4.697   3.767   1.00 1.63 ? 5  LEU A HD21 1 
ATOM   87  H HD22 . LEU A 1 5  ? -10.099 2.976   3.835   1.00 1.51 ? 5  LEU A HD22 1 
ATOM   88  H HD23 . LEU A 1 5  ? -10.017 3.800   2.277   1.00 1.65 ? 5  LEU A HD23 1 
ATOM   89  N N    . TRP A 1 6  ? -4.720  2.915   3.850   1.00 0.59 ? 6  TRP A N    1 
ATOM   90  C CA   . TRP A 1 6  ? -3.546  3.615   3.337   1.00 0.53 ? 6  TRP A CA   1 
ATOM   91  C C    . TRP A 1 6  ? -2.276  2.806   3.590   1.00 0.40 ? 6  TRP A C    1 
ATOM   92  O O    . TRP A 1 6  ? -1.325  2.870   2.812   1.00 0.38 ? 6  TRP A O    1 
ATOM   93  C CB   . TRP A 1 6  ? -3.430  5.008   3.971   1.00 0.65 ? 6  TRP A CB   1 
ATOM   94  C CG   . TRP A 1 6  ? -2.714  5.023   5.292   1.00 0.67 ? 6  TRP A CG   1 
ATOM   95  C CD1  . TRP A 1 6  ? -3.283  4.978   6.531   1.00 0.74 ? 6  TRP A CD1  1 
ATOM   96  C CD2  . TRP A 1 6  ? -1.298  5.090   5.504   1.00 0.67 ? 6  TRP A CD2  1 
ATOM   97  N NE1  . TRP A 1 6  ? -2.309  5.010   7.500   1.00 0.78 ? 6  TRP A NE1  1 
ATOM   98  C CE2  . TRP A 1 6  ? -1.082  5.079   6.894   1.00 0.74 ? 6  TRP A CE2  1 
ATOM   99  C CE3  . TRP A 1 6  ? -0.189  5.157   4.652   1.00 0.66 ? 6  TRP A CE3  1 
ATOM   100 C CZ2  . TRP A 1 6  ? 0.193   5.132   7.452   1.00 0.80 ? 6  TRP A CZ2  1 
ATOM   101 C CZ3  . TRP A 1 6  ? 1.076   5.210   5.207   1.00 0.74 ? 6  TRP A CZ3  1 
ATOM   102 C CH2  . TRP A 1 6  ? 1.258   5.195   6.596   1.00 0.80 ? 6  TRP A CH2  1 
ATOM   103 H H    . TRP A 1 6  ? -5.017  3.084   4.769   1.00 0.71 ? 6  TRP A H    1 
ATOM   104 H HA   . TRP A 1 6  ? -3.674  3.727   2.271   1.00 0.54 ? 6  TRP A HA   1 
ATOM   105 H HB2  . TRP A 1 6  ? -2.892  5.656   3.297   1.00 0.69 ? 6  TRP A HB2  1 
ATOM   106 H HB3  . TRP A 1 6  ? -4.423  5.405   4.127   1.00 0.75 ? 6  TRP A HB3  1 
ATOM   107 H HD1  . TRP A 1 6  ? -4.346  4.925   6.710   1.00 0.80 ? 6  TRP A HD1  1 
ATOM   108 H HE1  . TRP A 1 6  ? -2.468  4.986   8.466   1.00 0.85 ? 6  TRP A HE1  1 
ATOM   109 H HE3  . TRP A 1 6  ? -0.310  5.169   3.579   1.00 0.64 ? 6  TRP A HE3  1 
ATOM   110 H HZ2  . TRP A 1 6  ? 0.351   5.120   8.520   1.00 0.88 ? 6  TRP A HZ2  1 
ATOM   111 H HZ3  . TRP A 1 6  ? 1.942   5.261   4.564   1.00 0.78 ? 6  TRP A HZ3  1 
ATOM   112 H HH2  . TRP A 1 6  ? 2.264   5.238   6.984   1.00 0.89 ? 6  TRP A HH2  1 
ATOM   113 N N    . ASN A 1 7  ? -2.266  2.053   4.688   1.00 0.37 ? 7  ASN A N    1 
ATOM   114 C CA   . ASN A 1 7  ? -1.109  1.237   5.049   1.00 0.34 ? 7  ASN A CA   1 
ATOM   115 C C    . ASN A 1 7  ? -0.726  0.293   3.915   1.00 0.30 ? 7  ASN A C    1 
ATOM   116 O O    . ASN A 1 7  ? 0.411   -0.165  3.837   1.00 0.49 ? 7  ASN A O    1 
ATOM   117 C CB   . ASN A 1 7  ? -1.388  0.434   6.323   1.00 0.43 ? 7  ASN A CB   1 
ATOM   118 C CG   . ASN A 1 7  ? -2.855  0.429   6.705   1.00 0.99 ? 7  ASN A CG   1 
ATOM   119 O OD1  . ASN A 1 7  ? -3.242  0.981   7.734   1.00 1.76 ? 7  ASN A OD1  1 
ATOM   120 N ND2  . ASN A 1 7  ? -3.680  -0.195  5.874   1.00 1.18 ? 7  ASN A ND2  1 
ATOM   121 H H    . ASN A 1 7  ? -3.054  2.050   5.270   1.00 0.44 ? 7  ASN A H    1 
ATOM   122 H HA   . ASN A 1 7  ? -0.282  1.905   5.232   1.00 0.36 ? 7  ASN A HA   1 
ATOM   123 H HB2  . ASN A 1 7  ? -1.072  -0.587  6.171   1.00 0.63 ? 7  ASN A HB2  1 
ATOM   124 H HB3  . ASN A 1 7  ? -0.823  0.861   7.140   1.00 0.74 ? 7  ASN A HB3  1 
ATOM   125 H HD21 . ASN A 1 7  ? -3.302  -0.611  5.072   1.00 1.32 ? 7  ASN A HD21 1 
ATOM   126 H HD22 . ASN A 1 7  ? -4.634  -0.216  6.098   1.00 1.61 ? 7  ASN A HD22 1 
ATOM   127 N N    . TRP A 1 8  ? -1.684  0.012   3.039   1.00 0.23 ? 8  TRP A N    1 
ATOM   128 C CA   . TRP A 1 8  ? -1.452  -0.874  1.905   1.00 0.19 ? 8  TRP A CA   1 
ATOM   129 C C    . TRP A 1 8  ? -1.493  -0.092  0.593   1.00 0.14 ? 8  TRP A C    1 
ATOM   130 O O    . TRP A 1 8  ? -0.901  -0.504  -0.403  1.00 0.14 ? 8  TRP A O    1 
ATOM   131 C CB   . TRP A 1 8  ? -2.484  -2.008  1.900   1.00 0.28 ? 8  TRP A CB   1 
ATOM   132 C CG   . TRP A 1 8  ? -3.623  -1.790  0.956   1.00 0.27 ? 8  TRP A CG   1 
ATOM   133 C CD1  . TRP A 1 8  ? -4.805  -1.167  1.223   1.00 0.32 ? 8  TRP A CD1  1 
ATOM   134 C CD2  . TRP A 1 8  ? -3.685  -2.198  -0.411  1.00 0.27 ? 8  TRP A CD2  1 
ATOM   135 N NE1  . TRP A 1 8  ? -5.601  -1.163  0.103   1.00 0.34 ? 8  TRP A NE1  1 
ATOM   136 C CE2  . TRP A 1 8  ? -4.932  -1.792  -0.916  1.00 0.31 ? 8  TRP A CE2  1 
ATOM   137 C CE3  . TRP A 1 8  ? -2.798  -2.868  -1.256  1.00 0.29 ? 8  TRP A CE3  1 
ATOM   138 C CZ2  . TRP A 1 8  ? -5.315  -2.035  -2.233  1.00 0.34 ? 8  TRP A CZ2  1 
ATOM   139 C CZ3  . TRP A 1 8  ? -3.178  -3.109  -2.559  1.00 0.34 ? 8  TRP A CZ3  1 
ATOM   140 C CH2  . TRP A 1 8  ? -4.428  -2.693  -3.039  1.00 0.35 ? 8  TRP A CH2  1 
ATOM   141 H H    . TRP A 1 8  ? -2.571  0.414   3.159   1.00 0.35 ? 8  TRP A H    1 
ATOM   142 H HA   . TRP A 1 8  ? -0.466  -1.300  2.014   1.00 0.20 ? 8  TRP A HA   1 
ATOM   143 H HB2  . TRP A 1 8  ? -1.993  -2.928  1.618   1.00 0.32 ? 8  TRP A HB2  1 
ATOM   144 H HB3  . TRP A 1 8  ? -2.892  -2.116  2.895   1.00 0.34 ? 8  TRP A HB3  1 
ATOM   145 H HD1  . TRP A 1 8  ? -5.063  -0.745  2.182   1.00 0.37 ? 8  TRP A HD1  1 
ATOM   146 H HE1  . TRP A 1 8  ? -6.497  -0.774  0.042   1.00 0.39 ? 8  TRP A HE1  1 
ATOM   147 H HE3  . TRP A 1 8  ? -1.832  -3.196  -0.904  1.00 0.31 ? 8  TRP A HE3  1 
ATOM   148 H HZ2  . TRP A 1 8  ? -6.275  -1.719  -2.617  1.00 0.38 ? 8  TRP A HZ2  1 
ATOM   149 H HZ3  . TRP A 1 8  ? -2.503  -3.624  -3.223  1.00 0.39 ? 8  TRP A HZ3  1 
ATOM   150 H HH2  . TRP A 1 8  ? -4.682  -2.904  -4.066  1.00 0.40 ? 8  TRP A HH2  1 
ATOM   151 N N    . PHE A 1 9  ? -2.190  1.041   0.606   1.00 0.14 ? 9  PHE A N    1 
ATOM   152 C CA   . PHE A 1 9  ? -2.299  1.882   -0.580  1.00 0.14 ? 9  PHE A CA   1 
ATOM   153 C C    . PHE A 1 9  ? -0.934  2.435   -0.969  1.00 0.12 ? 9  PHE A C    1 
ATOM   154 O O    . PHE A 1 9  ? -0.705  2.794   -2.124  1.00 0.17 ? 9  PHE A O    1 
ATOM   155 C CB   . PHE A 1 9  ? -3.276  3.032   -0.330  1.00 0.23 ? 9  PHE A CB   1 
ATOM   156 C CG   . PHE A 1 9  ? -3.969  3.514   -1.574  1.00 0.46 ? 9  PHE A CG   1 
ATOM   157 C CD1  . PHE A 1 9  ? -5.169  2.952   -1.978  1.00 0.72 ? 9  PHE A CD1  1 
ATOM   158 C CD2  . PHE A 1 9  ? -3.418  4.528   -2.338  1.00 0.97 ? 9  PHE A CD2  1 
ATOM   159 C CE1  . PHE A 1 9  ? -5.807  3.393   -3.123  1.00 0.91 ? 9  PHE A CE1  1 
ATOM   160 C CE2  . PHE A 1 9  ? -4.050  4.974   -3.483  1.00 1.23 ? 9  PHE A CE2  1 
ATOM   161 C CZ   . PHE A 1 9  ? -5.254  4.403   -3.872  1.00 1.04 ? 9  PHE A CZ   1 
ATOM   162 H H    . PHE A 1 9  ? -2.636  1.319   1.434   1.00 0.18 ? 9  PHE A H    1 
ATOM   163 H HA   . PHE A 1 9  ? -2.672  1.272   -1.388  1.00 0.16 ? 9  PHE A HA   1 
ATOM   164 H HB2  . PHE A 1 9  ? -4.034  2.706   0.366   1.00 0.30 ? 9  PHE A HB2  1 
ATOM   165 H HB3  . PHE A 1 9  ? -2.738  3.867   0.097   1.00 0.34 ? 9  PHE A HB3  1 
ATOM   166 H HD1  . PHE A 1 9  ? -5.609  2.160   -1.390  1.00 1.07 ? 9  PHE A HD1  1 
ATOM   167 H HD2  . PHE A 1 9  ? -2.482  4.974   -2.032  1.00 1.31 ? 9  PHE A HD2  1 
ATOM   168 H HE1  . PHE A 1 9  ? -6.742  2.946   -3.428  1.00 1.23 ? 9  PHE A HE1  1 
ATOM   169 H HE2  . PHE A 1 9  ? -3.609  5.767   -4.071  1.00 1.70 ? 9  PHE A HE2  1 
ATOM   170 H HZ   . PHE A 1 9  ? -5.755  4.748   -4.764  1.00 1.27 ? 9  PHE A HZ   1 
ATOM   171 N N    . ASN A 1 10 ? -0.031  2.494   0.003   1.00 0.11 ? 10 ASN A N    1 
ATOM   172 C CA   . ASN A 1 10 ? 1.316   2.995   -0.236  1.00 0.14 ? 10 ASN A CA   1 
ATOM   173 C C    . ASN A 1 10 ? 2.256   1.854   -0.595  1.00 0.13 ? 10 ASN A C    1 
ATOM   174 O O    . ASN A 1 10 ? 3.356   2.075   -1.097  1.00 0.25 ? 10 ASN A O    1 
ATOM   175 C CB   . ASN A 1 10 ? 1.838   3.739   0.995   1.00 0.19 ? 10 ASN A CB   1 
ATOM   176 C CG   . ASN A 1 10 ? 2.084   2.815   2.174   1.00 0.73 ? 10 ASN A CG   1 
ATOM   177 O OD1  . ASN A 1 10 ? 1.301   2.781   3.124   1.00 1.82 ? 10 ASN A OD1  1 
ATOM   178 N ND2  . ASN A 1 10 ? 3.177   2.062   2.122   1.00 0.64 ? 10 ASN A ND2  1 
ATOM   179 H H    . ASN A 1 10 ? -0.274  2.188   0.902   1.00 0.14 ? 10 ASN A H    1 
ATOM   180 H HA   . ASN A 1 10 ? 1.269   3.678   -1.067  1.00 0.16 ? 10 ASN A HA   1 
ATOM   181 H HB2  . ASN A 1 10 ? 2.770   4.226   0.746   1.00 0.50 ? 10 ASN A HB2  1 
ATOM   182 H HB3  . ASN A 1 10 ? 1.115   4.486   1.290   1.00 0.52 ? 10 ASN A HB3  1 
ATOM   183 H HD21 . ASN A 1 10 ? 3.758   2.144   1.337   1.00 1.23 ? 10 ASN A HD21 1 
ATOM   184 H HD22 . ASN A 1 10 ? 3.360   1.458   2.871   1.00 0.86 ? 10 ASN A HD22 1 
ATOM   185 N N    . ILE A 1 11 ? 1.807   0.632   -0.334  1.00 0.08 ? 11 ILE A N    1 
ATOM   186 C CA   . ILE A 1 11 ? 2.599   -0.554  -0.628  1.00 0.11 ? 11 ILE A CA   1 
ATOM   187 C C    . ILE A 1 11 ? 2.582   -0.866  -2.118  1.00 0.12 ? 11 ILE A C    1 
ATOM   188 O O    . ILE A 1 11 ? 3.553   -1.380  -2.664  1.00 0.14 ? 11 ILE A O    1 
ATOM   189 C CB   . ILE A 1 11 ? 2.098   -1.785  0.150   1.00 0.14 ? 11 ILE A CB   1 
ATOM   190 C CG1  . ILE A 1 11 ? 1.961   -1.453  1.640   1.00 0.13 ? 11 ILE A CG1  1 
ATOM   191 C CG2  . ILE A 1 11 ? 3.045   -2.960  -0.059  1.00 0.20 ? 11 ILE A CG2  1 
ATOM   192 C CD1  . ILE A 1 11 ? 1.585   -2.643  2.499   1.00 0.19 ? 11 ILE A CD1  1 
ATOM   193 H H    . ILE A 1 11 ? 0.918   0.528   0.064   1.00 0.14 ? 11 ILE A H    1 
ATOM   194 H HA   . ILE A 1 11 ? 3.618   -0.354  -0.327  1.00 0.15 ? 11 ILE A HA   1 
ATOM   195 H HB   . ILE A 1 11 ? 1.130   -2.061  -0.241  1.00 0.15 ? 11 ILE A HB   1 
ATOM   196 H HG12 . ILE A 1 11 ? 2.902   -1.067  2.003   1.00 0.15 ? 11 ILE A HG12 1 
ATOM   197 H HG13 . ILE A 1 11 ? 1.197   -0.699  1.764   1.00 0.11 ? 11 ILE A HG13 1 
ATOM   198 H HG21 . ILE A 1 11 ? 3.632   -3.111  0.836   1.00 1.01 ? 11 ILE A HG21 1 
ATOM   199 H HG22 . ILE A 1 11 ? 3.702   -2.749  -0.889  1.00 1.08 ? 11 ILE A HG22 1 
ATOM   200 H HG23 . ILE A 1 11 ? 2.473   -3.851  -0.268  1.00 1.02 ? 11 ILE A HG23 1 
ATOM   201 H HD11 . ILE A 1 11 ? 1.694   -2.382  3.542   1.00 1.02 ? 11 ILE A HD11 1 
ATOM   202 H HD12 . ILE A 1 11 ? 2.237   -3.474  2.267   1.00 1.03 ? 11 ILE A HD12 1 
ATOM   203 H HD13 . ILE A 1 11 ? 0.562   -2.922  2.300   1.00 1.06 ? 11 ILE A HD13 1 
ATOM   204 N N    . THR A 1 12 ? 1.471   -0.544  -2.774  1.00 0.11 ? 12 THR A N    1 
ATOM   205 C CA   . THR A 1 12 ? 1.331   -0.787  -4.206  1.00 0.12 ? 12 THR A CA   1 
ATOM   206 C C    . THR A 1 12 ? 2.339   0.033   -5.007  1.00 0.11 ? 12 THR A C    1 
ATOM   207 O O    . THR A 1 12 ? 2.409   -0.078  -6.231  1.00 0.12 ? 12 THR A O    1 
ATOM   208 C CB   . THR A 1 12 ? -0.090  -0.448  -4.694  1.00 0.15 ? 12 THR A CB   1 
ATOM   209 O OG1  . THR A 1 12 ? -0.723  0.448   -3.774  1.00 0.18 ? 12 THR A OG1  1 
ATOM   210 C CG2  . THR A 1 12 ? -0.926  -1.710  -4.834  1.00 0.22 ? 12 THR A CG2  1 
ATOM   211 H H    . THR A 1 12 ? 0.730   -0.131  -2.284  1.00 0.10 ? 12 THR A H    1 
ATOM   212 H HA   . THR A 1 12 ? 1.512   -1.838  -4.386  1.00 0.12 ? 12 THR A HA   1 
ATOM   213 H HB   . THR A 1 12 ? -0.019  0.029   -5.661  1.00 0.20 ? 12 THR A HB   1 
ATOM   214 H HG1  . THR A 1 12 ? -0.827  0.016   -2.924  1.00 0.94 ? 12 THR A HG1  1 
ATOM   215 H HG21 . THR A 1 12 ? -0.576  -2.456  -4.135  1.00 1.05 ? 12 THR A HG21 1 
ATOM   216 H HG22 . THR A 1 12 ? -0.838  -2.091  -5.841  1.00 1.04 ? 12 THR A HG22 1 
ATOM   217 H HG23 . THR A 1 12 ? -1.963  -1.481  -4.626  1.00 1.03 ? 12 THR A HG23 1 
ATOM   218 N N    . ASN A 1 13 ? 3.117   0.859   -4.309  1.00 0.11 ? 13 ASN A N    1 
ATOM   219 C CA   . ASN A 1 13 ? 4.119   1.699   -4.957  1.00 0.11 ? 13 ASN A CA   1 
ATOM   220 C C    . ASN A 1 13 ? 5.467   0.985   -5.055  1.00 0.10 ? 13 ASN A C    1 
ATOM   221 O O    . ASN A 1 13 ? 6.105   0.996   -6.107  1.00 0.14 ? 13 ASN A O    1 
ATOM   222 C CB   . ASN A 1 13 ? 4.283   3.013   -4.189  1.00 0.13 ? 13 ASN A CB   1 
ATOM   223 C CG   . ASN A 1 13 ? 2.976   3.765   -4.039  1.00 0.45 ? 13 ASN A CG   1 
ATOM   224 O OD1  . ASN A 1 13 ? 2.173   3.833   -4.971  1.00 1.07 ? 13 ASN A OD1  1 
ATOM   225 N ND2  . ASN A 1 13 ? 2.752   4.337   -2.860  1.00 0.79 ? 13 ASN A ND2  1 
ATOM   226 H H    . ASN A 1 13 ? 3.010   0.906   -3.337  1.00 0.13 ? 13 ASN A H    1 
ATOM   227 H HA   . ASN A 1 13 ? 3.769   1.919   -5.954  1.00 0.12 ? 13 ASN A HA   1 
ATOM   228 H HB2  . ASN A 1 13 ? 4.670   2.800   -3.203  1.00 0.40 ? 13 ASN A HB2  1 
ATOM   229 H HB3  . ASN A 1 13 ? 4.983   3.645   -4.716  1.00 0.37 ? 13 ASN A HB3  1 
ATOM   230 H HD21 . ASN A 1 13 ? 3.436   4.242   -2.164  1.00 1.17 ? 13 ASN A HD21 1 
ATOM   231 H HD22 . ASN A 1 13 ? 1.917   4.832   -2.737  1.00 0.98 ? 13 ASN A HD22 1 
ATOM   232 N N    . TRP A 1 14 ? 5.897   0.367   -3.956  1.00 0.07 ? 14 TRP A N    1 
ATOM   233 C CA   . TRP A 1 14 ? 7.174   -0.347  -3.931  1.00 0.06 ? 14 TRP A CA   1 
ATOM   234 C C    . TRP A 1 14 ? 6.978   -1.829  -4.210  1.00 0.05 ? 14 TRP A C    1 
ATOM   235 O O    . TRP A 1 14 ? 7.780   -2.446  -4.909  1.00 0.06 ? 14 TRP A O    1 
ATOM   236 C CB   . TRP A 1 14 ? 7.896   -0.157  -2.592  1.00 0.08 ? 14 TRP A CB   1 
ATOM   237 C CG   . TRP A 1 14 ? 6.985   -0.095  -1.404  1.00 0.08 ? 14 TRP A CG   1 
ATOM   238 C CD1  . TRP A 1 14 ? 6.155   0.931   -1.062  1.00 0.10 ? 14 TRP A CD1  1 
ATOM   239 C CD2  . TRP A 1 14 ? 6.824   -1.094  -0.390  1.00 0.11 ? 14 TRP A CD2  1 
ATOM   240 N NE1  . TRP A 1 14 ? 5.481   0.631   0.092   1.00 0.11 ? 14 TRP A NE1  1 
ATOM   241 C CE2  . TRP A 1 14 ? 5.875   -0.608  0.529   1.00 0.12 ? 14 TRP A CE2  1 
ATOM   242 C CE3  . TRP A 1 14 ? 7.388   -2.355  -0.171  1.00 0.15 ? 14 TRP A CE3  1 
ATOM   243 C CZ2  . TRP A 1 14 ? 5.480   -1.335  1.647   1.00 0.16 ? 14 TRP A CZ2  1 
ATOM   244 C CZ3  . TRP A 1 14 ? 6.993   -3.077  0.940   1.00 0.20 ? 14 TRP A CZ3  1 
ATOM   245 C CH2  . TRP A 1 14 ? 6.046   -2.565  1.836   1.00 0.20 ? 14 TRP A CH2  1 
ATOM   246 H H    . TRP A 1 14 ? 5.345   0.393   -3.147  1.00 0.08 ? 14 TRP A H    1 
ATOM   247 H HA   . TRP A 1 14 ? 7.789   0.068   -4.715  1.00 0.07 ? 14 TRP A HA   1 
ATOM   248 H HB2  . TRP A 1 14 ? 8.574   -0.983  -2.441  1.00 0.08 ? 14 TRP A HB2  1 
ATOM   249 H HB3  . TRP A 1 14 ? 8.462   0.762   -2.625  1.00 0.09 ? 14 TRP A HB3  1 
ATOM   250 H HD1  . TRP A 1 14 ? 6.048   1.839   -1.634  1.00 0.12 ? 14 TRP A HD1  1 
ATOM   251 H HE1  . TRP A 1 14 ? 4.825   1.209   0.533   1.00 0.12 ? 14 TRP A HE1  1 
ATOM   252 H HE3  . TRP A 1 14 ? 8.118   -2.767  -0.852  1.00 0.16 ? 14 TRP A HE3  1 
ATOM   253 H HZ2  . TRP A 1 14 ? 4.750   -0.954  2.347   1.00 0.17 ? 14 TRP A HZ2  1 
ATOM   254 H HZ3  . TRP A 1 14 ? 7.417   -4.053  1.125   1.00 0.24 ? 14 TRP A HZ3  1 
ATOM   255 H HH2  . TRP A 1 14 ? 5.768   -3.164  2.691   1.00 0.24 ? 14 TRP A HH2  1 
ATOM   256 N N    . LEU A 1 15 ? 5.907   -2.399  -3.667  1.00 0.06 ? 15 LEU A N    1 
ATOM   257 C CA   . LEU A 1 15 ? 5.614   -3.810  -3.878  1.00 0.08 ? 15 LEU A CA   1 
ATOM   258 C C    . LEU A 1 15 ? 5.471   -4.088  -5.371  1.00 0.07 ? 15 LEU A C    1 
ATOM   259 O O    . LEU A 1 15 ? 5.894   -5.135  -5.861  1.00 0.10 ? 15 LEU A O    1 
ATOM   260 C CB   . LEU A 1 15 ? 4.349   -4.221  -3.114  1.00 0.10 ? 15 LEU A CB   1 
ATOM   261 C CG   . LEU A 1 15 ? 3.063   -4.298  -3.941  1.00 0.11 ? 15 LEU A CG   1 
ATOM   262 C CD1  . LEU A 1 15 ? 2.935   -5.658  -4.606  1.00 0.14 ? 15 LEU A CD1  1 
ATOM   263 C CD2  . LEU A 1 15 ? 1.850   -4.020  -3.066  1.00 0.14 ? 15 LEU A CD2  1 
ATOM   264 H H    . LEU A 1 15 ? 5.300   -1.859  -3.123  1.00 0.08 ? 15 LEU A H    1 
ATOM   265 H HA   . LEU A 1 15 ? 6.453   -4.378  -3.502  1.00 0.08 ? 15 LEU A HA   1 
ATOM   266 H HB2  . LEU A 1 15 ? 4.521   -5.192  -2.673  1.00 0.12 ? 15 LEU A HB2  1 
ATOM   267 H HB3  . LEU A 1 15 ? 4.191   -3.509  -2.320  1.00 0.11 ? 15 LEU A HB3  1 
ATOM   268 H HG   . LEU A 1 15 ? 3.100   -3.547  -4.713  1.00 0.09 ? 15 LEU A HG   1 
ATOM   269 H HD11 . LEU A 1 15 ? 3.215   -6.431  -3.906  1.00 1.02 ? 15 LEU A HD11 1 
ATOM   270 H HD12 . LEU A 1 15 ? 3.586   -5.699  -5.467  1.00 1.00 ? 15 LEU A HD12 1 
ATOM   271 H HD13 . LEU A 1 15 ? 1.913   -5.809  -4.920  1.00 1.04 ? 15 LEU A HD13 1 
ATOM   272 H HD21 . LEU A 1 15 ? 1.008   -3.755  -3.691  1.00 1.02 ? 15 LEU A HD21 1 
ATOM   273 H HD22 . LEU A 1 15 ? 2.070   -3.204  -2.393  1.00 1.01 ? 15 LEU A HD22 1 
ATOM   274 H HD23 . LEU A 1 15 ? 1.607   -4.903  -2.494  1.00 1.01 ? 15 LEU A HD23 1 
ATOM   275 N N    . TRP A 1 16 ? 4.892   -3.129  -6.091  1.00 0.07 ? 16 TRP A N    1 
ATOM   276 C CA   . TRP A 1 16 ? 4.716   -3.257  -7.532  1.00 0.08 ? 16 TRP A CA   1 
ATOM   277 C C    . TRP A 1 16 ? 6.082   -3.347  -8.200  1.00 0.09 ? 16 TRP A C    1 
ATOM   278 O O    . TRP A 1 16 ? 6.236   -3.954  -9.260  1.00 0.16 ? 16 TRP A O    1 
ATOM   279 C CB   . TRP A 1 16 ? 3.938   -2.059  -8.084  1.00 0.12 ? 16 TRP A CB   1 
ATOM   280 C CG   . TRP A 1 16 ? 2.703   -2.445  -8.839  1.00 0.16 ? 16 TRP A CG   1 
ATOM   281 C CD1  . TRP A 1 16 ? 2.415   -2.150  -10.140 1.00 0.21 ? 16 TRP A CD1  1 
ATOM   282 C CD2  . TRP A 1 16 ? 1.586   -3.190  -8.339  1.00 0.18 ? 16 TRP A CD2  1 
ATOM   283 N NE1  . TRP A 1 16 ? 1.191   -2.670  -10.482 1.00 0.25 ? 16 TRP A NE1  1 
ATOM   284 C CE2  . TRP A 1 16 ? 0.662   -3.314  -9.393  1.00 0.24 ? 16 TRP A CE2  1 
ATOM   285 C CE3  . TRP A 1 16 ? 1.279   -3.767  -7.103  1.00 0.19 ? 16 TRP A CE3  1 
ATOM   286 C CZ2  . TRP A 1 16 ? -0.546  -3.991  -9.248  1.00 0.29 ? 16 TRP A CZ2  1 
ATOM   287 C CZ3  . TRP A 1 16 ? 0.080   -4.438  -6.960  1.00 0.24 ? 16 TRP A CZ3  1 
ATOM   288 C CH2  . TRP A 1 16 ? -0.819  -4.545  -8.028  1.00 0.28 ? 16 TRP A CH2  1 
ATOM   289 H H    . TRP A 1 16 ? 4.591   -2.311  -5.643  1.00 0.08 ? 16 TRP A H    1 
ATOM   290 H HA   . TRP A 1 16 ? 4.166   -4.163  -7.727  1.00 0.09 ? 16 TRP A HA   1 
ATOM   291 H HB2  . TRP A 1 16 ? 3.641   -1.424  -7.263  1.00 0.14 ? 16 TRP A HB2  1 
ATOM   292 H HB3  . TRP A 1 16 ? 4.578   -1.500  -8.751  1.00 0.14 ? 16 TRP A HB3  1 
ATOM   293 H HD1  . TRP A 1 16 ? 3.066   -1.588  -10.793 1.00 0.22 ? 16 TRP A HD1  1 
ATOM   294 H HE1  . TRP A 1 16 ? 0.766   -2.594  -11.361 1.00 0.29 ? 16 TRP A HE1  1 
ATOM   295 H HE3  . TRP A 1 16 ? 1.962   -3.694  -6.268  1.00 0.17 ? 16 TRP A HE3  1 
ATOM   296 H HZ2  . TRP A 1 16 ? -1.251  -4.083  -10.061 1.00 0.33 ? 16 TRP A HZ2  1 
ATOM   297 H HZ3  . TRP A 1 16 ? -0.174  -4.888  -6.013  1.00 0.26 ? 16 TRP A HZ3  1 
ATOM   298 H HH2  . TRP A 1 16 ? -1.746  -5.077  -7.870  1.00 0.33 ? 16 TRP A HH2  1 
ATOM   299 N N    . TYR A 1 17 ? 7.071   -2.745  -7.548  1.00 0.08 ? 17 TYR A N    1 
ATOM   300 C CA   . TYR A 1 17 ? 8.442   -2.751  -8.037  1.00 0.13 ? 17 TYR A CA   1 
ATOM   301 C C    . TYR A 1 17 ? 9.112   -4.076  -7.687  1.00 0.14 ? 17 TYR A C    1 
ATOM   302 O O    . TYR A 1 17 ? 9.996   -4.552  -8.402  1.00 0.22 ? 17 TYR A O    1 
ATOM   303 C CB   . TYR A 1 17 ? 9.217   -1.570  -7.429  1.00 0.17 ? 17 TYR A CB   1 
ATOM   304 C CG   . TYR A 1 17 ? 10.667  -1.871  -7.114  1.00 0.21 ? 17 TYR A CG   1 
ATOM   305 C CD1  . TYR A 1 17 ? 11.639  -1.823  -8.106  1.00 0.26 ? 17 TYR A CD1  1 
ATOM   306 C CD2  . TYR A 1 17 ? 11.063  -2.199  -5.822  1.00 0.24 ? 17 TYR A CD2  1 
ATOM   307 C CE1  . TYR A 1 17 ? 12.963  -2.094  -7.820  1.00 0.33 ? 17 TYR A CE1  1 
ATOM   308 C CE2  . TYR A 1 17 ? 12.385  -2.471  -5.529  1.00 0.30 ? 17 TYR A CE2  1 
ATOM   309 C CZ   . TYR A 1 17 ? 13.332  -2.418  -6.531  1.00 0.34 ? 17 TYR A CZ   1 
ATOM   310 O OH   . TYR A 1 17 ? 14.649  -2.688  -6.243  1.00 0.42 ? 17 TYR A OH   1 
ATOM   311 H H    . TYR A 1 17 ? 6.872   -2.292  -6.701  1.00 0.10 ? 17 TYR A H    1 
ATOM   312 H HA   . TYR A 1 17 ? 8.415   -2.644  -9.111  1.00 0.15 ? 17 TYR A HA   1 
ATOM   313 H HB2  . TYR A 1 17 ? 9.197   -0.744  -8.124  1.00 0.19 ? 17 TYR A HB2  1 
ATOM   314 H HB3  . TYR A 1 17 ? 8.733   -1.269  -6.510  1.00 0.18 ? 17 TYR A HB3  1 
ATOM   315 H HD1  . TYR A 1 17 ? 11.347  -1.568  -9.114  1.00 0.28 ? 17 TYR A HD1  1 
ATOM   316 H HD2  . TYR A 1 17 ? 10.319  -2.240  -5.040  1.00 0.23 ? 17 TYR A HD2  1 
ATOM   317 H HE1  . TYR A 1 17 ? 13.704  -2.053  -8.605  1.00 0.38 ? 17 TYR A HE1  1 
ATOM   318 H HE2  . TYR A 1 17 ? 12.673  -2.724  -4.519  1.00 0.34 ? 17 TYR A HE2  1 
ATOM   319 H HH   . TYR A 1 17 ? 14.777  -3.638  -6.189  1.00 0.99 ? 17 TYR A HH   1 
ATOM   320 N N    . ILE A 1 18 ? 8.674   -4.670  -6.580  1.00 0.12 ? 18 ILE A N    1 
ATOM   321 C CA   . ILE A 1 18 ? 9.215   -5.943  -6.122  1.00 0.18 ? 18 ILE A CA   1 
ATOM   322 C C    . ILE A 1 18 ? 8.762   -7.085  -7.027  1.00 0.25 ? 18 ILE A C    1 
ATOM   323 O O    . ILE A 1 18 ? 9.543   -7.981  -7.350  1.00 0.43 ? 18 ILE A O    1 
ATOM   324 C CB   . ILE A 1 18 ? 8.779   -6.243  -4.672  1.00 0.16 ? 18 ILE A CB   1 
ATOM   325 C CG1  . ILE A 1 18 ? 9.221   -5.110  -3.743  1.00 0.19 ? 18 ILE A CG1  1 
ATOM   326 C CG2  . ILE A 1 18 ? 9.354   -7.574  -4.204  1.00 0.22 ? 18 ILE A CG2  1 
ATOM   327 C CD1  . ILE A 1 18 ? 8.545   -5.132  -2.388  1.00 0.21 ? 18 ILE A CD1  1 
ATOM   328 H H    . ILE A 1 18 ? 7.965   -4.239  -6.059  1.00 0.12 ? 18 ILE A H    1 
ATOM   329 H HA   . ILE A 1 18 ? 10.293  -5.880  -6.147  1.00 0.23 ? 18 ILE A HA   1 
ATOM   330 H HB   . ILE A 1 18 ? 7.702   -6.317  -4.651  1.00 0.17 ? 18 ILE A HB   1 
ATOM   331 H HG12 . ILE A 1 18 ? 10.286  -5.181  -3.581  1.00 0.24 ? 18 ILE A HG12 1 
ATOM   332 H HG13 . ILE A 1 18 ? 8.996   -4.163  -4.210  1.00 0.27 ? 18 ILE A HG13 1 
ATOM   333 H HG21 . ILE A 1 18 ? 9.730   -7.471  -3.198  1.00 1.04 ? 18 ILE A HG21 1 
ATOM   334 H HG22 . ILE A 1 18 ? 10.159  -7.869  -4.861  1.00 1.02 ? 18 ILE A HG22 1 
ATOM   335 H HG23 . ILE A 1 18 ? 8.580   -8.327  -4.225  1.00 1.06 ? 18 ILE A HG23 1 
ATOM   336 H HD11 . ILE A 1 18 ? 9.097   -4.509  -1.700  1.00 1.05 ? 18 ILE A HD11 1 
ATOM   337 H HD12 . ILE A 1 18 ? 8.520   -6.146  -2.015  1.00 1.04 ? 18 ILE A HD12 1 
ATOM   338 H HD13 . ILE A 1 18 ? 7.538   -4.757  -2.482  1.00 1.02 ? 18 ILE A HD13 1 
ATOM   339 N N    . LYS A 1 19 ? 7.497   -7.042  -7.430  1.00 0.40 ? 19 LYS A N    1 
ATOM   340 C CA   . LYS A 1 19 ? 6.932   -8.069  -8.298  1.00 0.51 ? 19 LYS A CA   1 
ATOM   341 C C    . LYS A 1 19 ? 7.421   -7.902  -9.733  1.00 0.56 ? 19 LYS A C    1 
ATOM   342 O O    . LYS A 1 19 ? 7.392   -8.901  -10.482 1.00 1.12 ? 19 LYS A O    1 
ATOM   343 C CB   . LYS A 1 19 ? 5.405   -8.012  -8.258  1.00 0.74 ? 19 LYS A CB   1 
ATOM   344 C CG   . LYS A 1 19 ? 4.787   -8.963  -7.246  1.00 0.99 ? 19 LYS A CG   1 
ATOM   345 C CD   . LYS A 1 19 ? 3.549   -9.643  -7.804  1.00 1.30 ? 19 LYS A CD   1 
ATOM   346 C CE   . LYS A 1 19 ? 2.298   -8.813  -7.558  1.00 1.51 ? 19 LYS A CE   1 
ATOM   347 N NZ   . LYS A 1 19 ? 1.391   -9.456  -6.562  1.00 2.28 ? 19 LYS A NZ   1 
ATOM   348 H H    . LYS A 1 19 ? 6.927   -6.301  -7.138  1.00 0.55 ? 19 LYS A H    1 
ATOM   349 H HA   . LYS A 1 19 ? 7.257   -9.030  -7.929  1.00 0.54 ? 19 LYS A HA   1 
ATOM   350 H HB2  . LYS A 1 19 ? 5.099   -7.006  -8.005  1.00 1.10 ? 19 LYS A HB2  1 
ATOM   351 H HB3  . LYS A 1 19 ? 5.019   -8.261  -9.234  1.00 1.15 ? 19 LYS A HB3  1 
ATOM   352 H HG2  . LYS A 1 19 ? 5.514   -9.719  -6.986  1.00 1.61 ? 19 LYS A HG2  1 
ATOM   353 H HG3  . LYS A 1 19 ? 4.514   -8.405  -6.361  1.00 1.55 ? 19 LYS A HG3  1 
ATOM   354 H HD2  . LYS A 1 19 ? 3.673   -9.781  -8.867  1.00 1.91 ? 19 LYS A HD2  1 
ATOM   355 H HD3  . LYS A 1 19 ? 3.430   -10.605 -7.326  1.00 1.87 ? 19 LYS A HD3  1 
ATOM   356 H HE2  . LYS A 1 19 ? 2.595   -7.841  -7.192  1.00 1.78 ? 19 LYS A HE2  1 
ATOM   357 H HE3  . LYS A 1 19 ? 1.769   -8.699  -8.495  1.00 1.90 ? 19 LYS A HE3  1 
ATOM   358 H HZ1  . LYS A 1 19 ? 0.501   -8.920  -6.486  1.00 2.84 ? 19 LYS A HZ1  1 
ATOM   359 H HZ2  . LYS A 1 19 ? 1.847   -9.481  -5.626  1.00 2.65 ? 19 LYS A HZ2  1 
ATOM   360 H HZ3  . LYS A 1 19 ? 1.172   -10.431 -6.854  1.00 2.65 ? 19 LYS A HZ3  1 
HETATM 361 N N    . NH2 A 1 20 ? 7.935   -6.737  -10.113 1.00 0.70 ? 20 NH2 A N    1 
HETATM 362 H HN1  . NH2 A 1 20 ? 7.321   -5.993  -10.285 1.00 0.83 ? 20 NH2 A HN1  1 
HETATM 363 H HN2  . NH2 A 1 20 ? 8.909   -6.668  -10.206 1.00 1.17 ? 20 NH2 A HN2  1 
# 
